data_2NV4
#
_entry.id   2NV4
#
_cell.length_a   48.812
_cell.length_b   73.496
_cell.length_c   78.545
_cell.angle_alpha   90.00
_cell.angle_beta   90.00
_cell.angle_gamma   90.00
#
_symmetry.space_group_name_H-M   'P 21 21 21'
#
loop_
_entity.id
_entity.type
_entity.pdbx_description
1 polymer 'UPF0066 protein AF_0241'
2 non-polymer 'ACETATE ION'
3 non-polymer S-ADENOSYLMETHIONINE
4 water water
#
_entity_poly.entity_id   1
_entity_poly.type   'polypeptide(L)'
_entity_poly.pdbx_seq_one_letter_code
;(MSE)ILKPIGVVKSPFKTQNDAPRQGRFSDAVSEIAIFDEYADGLHKIENLRHIIVLYW(MSE)DKASRDKLRVVPPGE
TEERGVFTTRSPSRPNPIGLCVVEILEVERNRLKVRWLDALDGSPVIDIKKYSPEIDCVNQLEGQQPLEHHHHHH
;
_entity_poly.pdbx_strand_id   A,B
#
# COMPACT_ATOMS: atom_id res chain seq x y z
N ILE A 2 10.41 10.29 6.62
CA ILE A 2 9.33 10.91 7.36
C ILE A 2 8.13 11.07 6.44
N LEU A 3 6.98 10.61 6.89
CA LEU A 3 5.78 10.73 6.09
C LEU A 3 5.09 12.04 6.43
N LYS A 4 4.60 12.73 5.42
CA LYS A 4 3.86 13.95 5.67
C LYS A 4 2.41 13.64 5.36
N PRO A 5 1.53 13.78 6.36
CA PRO A 5 0.11 13.49 6.14
C PRO A 5 -0.45 14.42 5.06
N ILE A 6 -1.16 13.84 4.09
CA ILE A 6 -1.74 14.63 3.01
C ILE A 6 -3.23 14.83 3.24
N GLY A 7 -3.72 14.30 4.35
CA GLY A 7 -5.12 14.43 4.65
C GLY A 7 -5.49 13.70 5.92
N VAL A 8 -6.76 13.71 6.26
CA VAL A 8 -7.22 13.05 7.48
C VAL A 8 -8.50 12.31 7.16
N VAL A 9 -8.76 11.24 7.88
CA VAL A 9 -9.97 10.48 7.65
C VAL A 9 -11.07 10.81 8.65
N LYS A 10 -12.31 10.83 8.16
CA LYS A 10 -13.47 11.06 8.99
C LYS A 10 -14.37 9.87 8.74
N SER A 11 -14.72 9.13 9.78
CA SER A 11 -15.58 7.97 9.61
C SER A 11 -16.43 7.72 10.85
N PRO A 12 -17.32 6.72 10.79
CA PRO A 12 -18.13 6.46 11.98
C PRO A 12 -17.48 5.49 12.95
N PHE A 13 -16.22 5.13 12.69
CA PHE A 13 -15.51 4.21 13.57
C PHE A 13 -14.59 4.99 14.49
N LYS A 14 -14.98 5.13 15.75
CA LYS A 14 -14.18 5.87 16.73
C LYS A 14 -13.08 5.02 17.36
N THR A 15 -13.41 3.77 17.69
CA THR A 15 -12.43 2.87 18.31
C THR A 15 -12.25 1.57 17.54
N GLN A 16 -11.11 0.93 17.78
CA GLN A 16 -10.77 -0.32 17.13
C GLN A 16 -11.91 -1.33 17.23
N ASN A 17 -12.72 -1.20 18.26
CA ASN A 17 -13.83 -2.12 18.50
C ASN A 17 -15.04 -1.82 17.61
N ASP A 18 -15.03 -0.67 16.94
CA ASP A 18 -16.15 -0.26 16.10
C ASP A 18 -15.95 -0.46 14.61
N ALA A 19 -14.70 -0.38 14.17
CA ALA A 19 -14.37 -0.52 12.76
C ALA A 19 -14.44 -1.98 12.30
N PRO A 20 -14.78 -2.19 11.02
CA PRO A 20 -14.85 -3.56 10.52
C PRO A 20 -13.47 -4.15 10.31
N ARG A 21 -13.38 -5.46 10.43
CA ARG A 21 -12.13 -6.19 10.24
C ARG A 21 -11.54 -5.74 8.90
N GLN A 22 -12.36 -5.80 7.86
CA GLN A 22 -11.97 -5.39 6.52
C GLN A 22 -13.07 -4.53 5.92
N GLY A 23 -12.71 -3.31 5.53
CA GLY A 23 -13.67 -2.39 4.96
C GLY A 23 -14.48 -2.87 3.78
N ARG A 24 -13.97 -3.85 3.05
CA ARG A 24 -14.69 -4.35 1.89
C ARG A 24 -16.01 -5.02 2.27
N PHE A 25 -16.11 -5.49 3.50
CA PHE A 25 -17.33 -6.15 3.94
C PHE A 25 -18.25 -5.23 4.73
N SER A 26 -18.06 -3.93 4.57
CA SER A 26 -18.87 -2.94 5.28
C SER A 26 -19.45 -1.94 4.29
N ASP A 27 -20.65 -1.45 4.58
CA ASP A 27 -21.31 -0.47 3.72
C ASP A 27 -21.15 0.94 4.27
N ALA A 28 -20.43 1.05 5.38
CA ALA A 28 -20.21 2.35 6.01
C ALA A 28 -19.51 3.33 5.08
N VAL A 29 -19.90 4.59 5.17
CA VAL A 29 -19.32 5.64 4.35
C VAL A 29 -18.27 6.41 5.14
N SER A 30 -17.11 6.58 4.54
CA SER A 30 -16.02 7.31 5.17
C SER A 30 -15.66 8.51 4.30
N GLU A 31 -15.03 9.50 4.92
CA GLU A 31 -14.64 10.69 4.21
C GLU A 31 -13.12 10.91 4.24
N ILE A 32 -12.56 11.25 3.09
CA ILE A 32 -11.13 11.52 3.00
C ILE A 32 -10.95 13.01 2.68
N ALA A 33 -10.52 13.77 3.66
CA ALA A 33 -10.31 15.21 3.48
C ALA A 33 -8.84 15.51 3.27
N ILE A 34 -8.47 15.78 2.02
CA ILE A 34 -7.09 16.08 1.68
C ILE A 34 -6.76 17.54 1.96
N PHE A 35 -5.58 17.79 2.53
CA PHE A 35 -5.16 19.15 2.85
C PHE A 35 -4.97 20.01 1.61
N ASP A 36 -5.33 21.28 1.72
CA ASP A 36 -5.22 22.23 0.62
C ASP A 36 -3.89 22.20 -0.11
N GLU A 37 -2.80 22.09 0.63
CA GLU A 37 -1.48 22.08 0.02
C GLU A 37 -1.21 20.84 -0.84
N TYR A 38 -2.10 19.86 -0.77
CA TYR A 38 -1.96 18.64 -1.57
C TYR A 38 -3.18 18.45 -2.46
N ALA A 39 -4.21 19.26 -2.20
CA ALA A 39 -5.46 19.20 -2.95
C ALA A 39 -5.28 19.08 -4.45
N ASP A 40 -4.25 19.71 -4.98
CA ASP A 40 -3.99 19.69 -6.42
C ASP A 40 -3.60 18.30 -6.94
N GLY A 41 -3.39 17.35 -6.04
CA GLY A 41 -3.04 16.01 -6.47
C GLY A 41 -4.27 15.19 -6.82
N LEU A 42 -5.44 15.78 -6.59
CA LEU A 42 -6.73 15.14 -6.88
C LEU A 42 -7.25 15.46 -8.27
N HIS A 43 -6.55 16.32 -9.00
CA HIS A 43 -6.98 16.73 -10.34
C HIS A 43 -7.39 15.60 -11.26
N LYS A 44 -8.68 15.59 -11.61
CA LYS A 44 -9.26 14.59 -12.50
C LYS A 44 -9.54 13.24 -11.84
N ILE A 45 -9.60 13.23 -10.51
CA ILE A 45 -9.87 11.98 -9.80
C ILE A 45 -11.33 11.56 -9.96
N GLU A 46 -12.19 12.53 -10.31
CA GLU A 46 -13.61 12.24 -10.52
C GLU A 46 -13.78 11.29 -11.70
N ASN A 47 -12.69 11.04 -12.41
CA ASN A 47 -12.71 10.14 -13.56
C ASN A 47 -12.47 8.71 -13.08
N LEU A 48 -12.15 8.56 -11.80
CA LEU A 48 -11.89 7.24 -11.21
C LEU A 48 -13.04 6.77 -10.33
N ARG A 49 -13.28 5.47 -10.32
CA ARG A 49 -14.33 4.90 -9.48
C ARG A 49 -13.67 4.27 -8.27
N HIS A 50 -12.54 3.60 -8.50
CA HIS A 50 -11.82 2.95 -7.43
C HIS A 50 -10.40 3.47 -7.31
N ILE A 51 -9.98 3.68 -6.07
CA ILE A 51 -8.64 4.17 -5.76
C ILE A 51 -8.08 3.37 -4.59
N ILE A 52 -6.76 3.46 -4.41
CA ILE A 52 -6.14 2.76 -3.31
C ILE A 52 -5.75 3.80 -2.28
N VAL A 53 -6.15 3.56 -1.04
CA VAL A 53 -5.84 4.49 0.03
C VAL A 53 -4.84 3.91 1.02
N LEU A 54 -3.78 4.66 1.31
CA LEU A 54 -2.79 4.25 2.29
C LEU A 54 -2.95 5.23 3.43
N TYR A 55 -3.22 4.73 4.63
CA TYR A 55 -3.36 5.61 5.76
C TYR A 55 -2.49 5.11 6.89
N TRP A 56 -2.36 5.91 7.94
CA TRP A 56 -1.54 5.53 9.07
C TRP A 56 -2.42 5.11 10.25
N ASP A 58 -2.39 5.00 13.53
CA ASP A 58 -1.76 5.62 14.68
C ASP A 58 -1.86 4.95 16.04
N LYS A 59 -2.94 4.22 16.31
CA LYS A 59 -3.06 3.57 17.62
C LYS A 59 -2.57 2.14 17.57
N ALA A 60 -2.00 1.73 16.45
CA ALA A 60 -1.50 0.37 16.31
C ALA A 60 -0.12 0.22 16.93
N SER A 61 0.17 -0.97 17.44
CA SER A 61 1.47 -1.26 18.06
C SER A 61 2.54 -1.46 16.99
N ARG A 62 3.69 -0.81 17.17
CA ARG A 62 4.77 -0.91 16.21
C ARG A 62 5.88 -1.89 16.56
N ASP A 63 5.74 -2.62 17.66
CA ASP A 63 6.78 -3.58 18.04
C ASP A 63 6.27 -5.01 18.13
N LYS A 64 5.10 -5.25 17.55
CA LYS A 64 4.50 -6.58 17.55
C LYS A 64 4.81 -7.19 16.18
N LEU A 65 5.36 -8.40 16.18
CA LEU A 65 5.75 -9.11 14.96
C LEU A 65 4.98 -10.40 14.74
N ARG A 66 4.39 -10.92 15.80
CA ARG A 66 3.61 -12.17 15.71
C ARG A 66 2.20 -11.88 16.17
N VAL A 67 1.23 -12.40 15.44
CA VAL A 67 -0.17 -12.14 15.75
C VAL A 67 -1.04 -13.33 15.39
N VAL A 68 -2.19 -13.41 16.03
CA VAL A 68 -3.16 -14.46 15.78
C VAL A 68 -4.37 -13.80 15.12
N PRO A 69 -4.53 -13.98 13.79
CA PRO A 69 -5.65 -13.39 13.05
C PRO A 69 -6.97 -13.87 13.66
N PRO A 70 -8.04 -13.08 13.54
CA PRO A 70 -9.32 -13.51 14.12
C PRO A 70 -9.73 -14.89 13.64
N GLY A 71 -10.28 -15.68 14.55
CA GLY A 71 -10.71 -17.02 14.20
C GLY A 71 -9.59 -18.03 14.24
N GLU A 72 -8.35 -17.54 14.28
CA GLU A 72 -7.19 -18.42 14.31
C GLU A 72 -6.80 -18.74 15.75
N THR A 73 -5.96 -19.75 15.92
CA THR A 73 -5.53 -20.17 17.23
C THR A 73 -4.03 -19.96 17.47
N GLU A 74 -3.24 -20.12 16.42
CA GLU A 74 -1.80 -19.97 16.53
C GLU A 74 -1.30 -18.69 15.89
N GLU A 75 -0.14 -18.24 16.34
CA GLU A 75 0.43 -17.02 15.79
C GLU A 75 1.17 -17.24 14.49
N ARG A 76 1.34 -16.15 13.76
CA ARG A 76 2.07 -16.15 12.50
C ARG A 76 2.64 -14.74 12.36
N GLY A 77 3.64 -14.59 11.49
CA GLY A 77 4.24 -13.29 11.29
C GLY A 77 3.21 -12.28 10.82
N VAL A 78 3.38 -11.02 11.22
CA VAL A 78 2.45 -9.98 10.82
C VAL A 78 2.55 -9.70 9.33
N PHE A 79 3.71 -9.98 8.74
CA PHE A 79 3.91 -9.74 7.32
C PHE A 79 3.11 -10.73 6.47
N THR A 80 2.56 -11.76 7.12
CA THR A 80 1.76 -12.75 6.40
C THR A 80 0.28 -12.47 6.63
N THR A 81 -0.02 -11.31 7.22
CA THR A 81 -1.39 -10.94 7.51
C THR A 81 -1.70 -9.50 7.13
N ARG A 82 -2.85 -9.04 7.58
CA ARG A 82 -3.32 -7.67 7.35
C ARG A 82 -3.52 -7.02 8.71
N SER A 83 -2.93 -7.59 9.74
CA SER A 83 -3.08 -7.05 11.10
C SER A 83 -2.60 -5.62 11.22
N PRO A 84 -3.30 -4.83 12.03
CA PRO A 84 -2.91 -3.43 12.21
C PRO A 84 -1.51 -3.25 12.80
N SER A 85 -1.11 -4.15 13.70
CA SER A 85 0.21 -4.05 14.33
C SER A 85 1.33 -4.60 13.43
N ARG A 86 2.35 -3.77 13.25
CA ARG A 86 3.50 -4.08 12.41
C ARG A 86 4.43 -2.89 12.58
N PRO A 87 5.72 -3.07 12.27
CA PRO A 87 6.69 -1.98 12.41
C PRO A 87 6.23 -0.66 11.83
N ASN A 88 5.56 -0.72 10.67
CA ASN A 88 5.06 0.47 9.99
C ASN A 88 3.58 0.28 9.69
N PRO A 89 2.72 0.64 10.65
CA PRO A 89 1.26 0.53 10.56
C PRO A 89 0.59 1.30 9.44
N ILE A 90 0.86 0.89 8.20
CA ILE A 90 0.24 1.54 7.07
C ILE A 90 -1.02 0.76 6.70
N GLY A 91 -2.17 1.40 6.77
CA GLY A 91 -3.40 0.75 6.40
C GLY A 91 -3.57 0.84 4.89
N LEU A 92 -3.90 -0.29 4.26
CA LEU A 92 -4.06 -0.36 2.81
C LEU A 92 -5.47 -0.82 2.43
N CYS A 93 -6.21 0.03 1.73
CA CYS A 93 -7.57 -0.29 1.29
C CYS A 93 -7.83 0.13 -0.13
N VAL A 94 -8.64 -0.67 -0.82
CA VAL A 94 -9.06 -0.36 -2.18
C VAL A 94 -10.46 0.16 -1.85
N VAL A 95 -10.72 1.41 -2.16
CA VAL A 95 -12.02 2.00 -1.87
C VAL A 95 -12.75 2.43 -3.14
N GLU A 96 -14.05 2.62 -3.00
CA GLU A 96 -14.87 3.07 -4.12
C GLU A 96 -15.33 4.50 -3.86
N ILE A 97 -14.96 5.40 -4.76
CA ILE A 97 -15.35 6.79 -4.63
C ILE A 97 -16.85 6.87 -4.88
N LEU A 98 -17.57 7.49 -3.95
CA LEU A 98 -19.01 7.65 -4.09
C LEU A 98 -19.34 9.11 -4.40
N GLU A 99 -18.44 10.00 -4.01
CA GLU A 99 -18.62 11.42 -4.25
C GLU A 99 -17.30 12.18 -4.07
N VAL A 100 -17.19 13.30 -4.78
CA VAL A 100 -16.01 14.16 -4.72
C VAL A 100 -16.47 15.57 -4.39
N GLU A 101 -16.18 16.01 -3.16
CA GLU A 101 -16.59 17.33 -2.70
C GLU A 101 -15.36 18.23 -2.50
N ARG A 102 -14.91 18.85 -3.59
CA ARG A 102 -13.75 19.74 -3.55
C ARG A 102 -12.47 18.97 -3.21
N ASN A 103 -12.05 19.04 -1.95
CA ASN A 103 -10.85 18.36 -1.50
C ASN A 103 -11.24 17.23 -0.53
N ARG A 104 -12.49 16.80 -0.63
CA ARG A 104 -13.00 15.74 0.22
C ARG A 104 -13.63 14.64 -0.63
N LEU A 105 -13.41 13.39 -0.23
CA LEU A 105 -13.95 12.26 -0.96
C LEU A 105 -14.85 11.42 -0.06
N LYS A 106 -16.02 11.04 -0.57
CA LYS A 106 -16.93 10.18 0.17
C LYS A 106 -16.64 8.83 -0.43
N VAL A 107 -16.33 7.85 0.40
CA VAL A 107 -16.00 6.53 -0.10
C VAL A 107 -16.55 5.44 0.80
N ARG A 108 -16.44 4.21 0.33
CA ARG A 108 -16.84 3.04 1.09
C ARG A 108 -15.74 2.00 0.92
N TRP A 109 -15.64 1.09 1.88
CA TRP A 109 -14.63 0.00 1.90
C TRP A 109 -13.38 0.45 2.65
N LEU A 110 -13.40 1.69 3.14
CA LEU A 110 -12.27 2.19 3.92
C LEU A 110 -12.56 1.76 5.35
N ASP A 111 -11.55 1.27 6.07
CA ASP A 111 -11.77 0.83 7.45
C ASP A 111 -10.88 1.57 8.44
N ALA A 112 -10.64 2.85 8.18
CA ALA A 112 -9.81 3.65 9.05
C ALA A 112 -10.61 4.28 10.18
N LEU A 113 -10.00 4.34 11.35
CA LEU A 113 -10.61 4.94 12.53
C LEU A 113 -10.73 6.45 12.28
N ASP A 114 -11.81 7.05 12.77
CA ASP A 114 -12.04 8.48 12.60
C ASP A 114 -10.79 9.24 13.07
N GLY A 115 -10.29 10.16 12.23
CA GLY A 115 -9.11 10.91 12.61
C GLY A 115 -7.80 10.39 12.06
N SER A 116 -7.80 9.16 11.52
CA SER A 116 -6.60 8.56 10.97
C SER A 116 -6.00 9.42 9.87
N PRO A 117 -4.67 9.60 9.88
CA PRO A 117 -3.99 10.40 8.87
C PRO A 117 -3.95 9.66 7.55
N VAL A 118 -4.07 10.39 6.46
CA VAL A 118 -4.01 9.81 5.12
C VAL A 118 -2.57 9.97 4.65
N ILE A 119 -2.02 8.92 4.04
CA ILE A 119 -0.63 8.95 3.59
C ILE A 119 -0.47 9.10 2.09
N ASP A 120 -1.26 8.35 1.35
CA ASP A 120 -1.14 8.38 -0.09
C ASP A 120 -2.40 7.83 -0.73
N ILE A 121 -2.58 8.14 -2.00
CA ILE A 121 -3.71 7.65 -2.76
C ILE A 121 -3.17 7.33 -4.14
N LYS A 122 -3.56 6.18 -4.68
CA LYS A 122 -3.09 5.76 -6.00
C LYS A 122 -4.28 5.28 -6.80
N LYS A 123 -4.09 5.18 -8.12
CA LYS A 123 -5.12 4.67 -9.01
C LYS A 123 -5.24 3.16 -8.81
N TYR A 124 -6.47 2.66 -8.70
CA TYR A 124 -6.66 1.22 -8.57
C TYR A 124 -6.57 0.69 -10.01
N SER A 125 -5.78 -0.36 -10.22
CA SER A 125 -5.62 -0.90 -11.56
C SER A 125 -5.61 -2.42 -11.52
N PRO A 126 -6.70 -3.02 -12.02
CA PRO A 126 -6.90 -4.47 -12.07
C PRO A 126 -5.70 -5.29 -12.51
N GLU A 127 -5.10 -4.91 -13.63
CA GLU A 127 -3.97 -5.65 -14.15
C GLU A 127 -2.75 -5.73 -13.24
N ILE A 128 -2.57 -4.77 -12.33
CA ILE A 128 -1.42 -4.88 -11.46
C ILE A 128 -1.77 -5.16 -10.01
N ASP A 129 -2.99 -4.80 -9.58
CA ASP A 129 -3.40 -5.03 -8.21
C ASP A 129 -4.05 -6.41 -8.00
N CYS A 130 -4.61 -6.97 -9.08
CA CYS A 130 -5.25 -8.28 -9.02
C CYS A 130 -4.38 -9.37 -9.62
N VAL A 131 -4.48 -10.56 -9.06
CA VAL A 131 -3.74 -11.70 -9.55
C VAL A 131 -4.76 -12.72 -10.06
N ASN A 132 -4.74 -13.00 -11.35
CA ASN A 132 -5.68 -13.96 -11.94
C ASN A 132 -5.40 -15.36 -11.43
N GLN A 133 -6.21 -15.82 -10.49
CA GLN A 133 -6.05 -17.13 -9.92
C GLN A 133 -7.36 -17.62 -9.31
N ILE B 2 7.38 8.70 11.34
CA ILE B 2 8.66 8.20 10.85
C ILE B 2 8.63 6.71 10.53
N LEU B 3 9.14 6.37 9.36
CA LEU B 3 9.17 4.98 8.90
C LEU B 3 10.44 4.25 9.32
N LYS B 4 10.26 3.01 9.75
CA LYS B 4 11.39 2.17 10.14
C LYS B 4 11.74 1.32 8.94
N PRO B 5 13.02 1.30 8.53
CA PRO B 5 13.30 0.46 7.38
C PRO B 5 13.43 -0.99 7.89
N ILE B 6 12.53 -1.86 7.43
CA ILE B 6 12.54 -3.26 7.86
C ILE B 6 13.40 -4.15 6.97
N GLY B 7 13.81 -3.62 5.83
CA GLY B 7 14.62 -4.42 4.92
C GLY B 7 15.14 -3.60 3.76
N VAL B 8 15.85 -4.27 2.86
CA VAL B 8 16.42 -3.63 1.68
C VAL B 8 16.14 -4.50 0.47
N VAL B 9 15.97 -3.86 -0.69
CA VAL B 9 15.72 -4.59 -1.92
C VAL B 9 16.98 -4.77 -2.75
N LYS B 10 17.12 -5.94 -3.34
CA LYS B 10 18.23 -6.27 -4.20
C LYS B 10 17.55 -6.58 -5.53
N SER B 11 17.86 -5.82 -6.56
CA SER B 11 17.25 -6.05 -7.87
C SER B 11 18.19 -5.64 -8.99
N PRO B 12 17.91 -6.13 -10.21
CA PRO B 12 18.77 -5.79 -11.35
C PRO B 12 18.42 -4.42 -11.94
N PHE B 13 17.62 -3.63 -11.24
CA PHE B 13 17.25 -2.31 -11.74
C PHE B 13 18.02 -1.24 -10.99
N LYS B 14 19.12 -0.78 -11.58
CA LYS B 14 19.97 0.23 -10.98
C LYS B 14 19.37 1.62 -10.92
N THR B 15 18.83 2.08 -12.03
CA THR B 15 18.23 3.41 -12.10
C THR B 15 16.85 3.35 -12.74
N GLN B 16 16.19 4.50 -12.79
CA GLN B 16 14.86 4.62 -13.38
C GLN B 16 14.88 4.34 -14.89
N ASN B 17 16.07 4.23 -15.46
CA ASN B 17 16.21 3.99 -16.89
C ASN B 17 16.15 2.52 -17.26
N ASP B 18 16.42 1.65 -16.29
CA ASP B 18 16.40 0.22 -16.55
C ASP B 18 15.43 -0.50 -15.63
N ALA B 19 14.45 0.25 -15.13
CA ALA B 19 13.46 -0.32 -14.25
C ALA B 19 12.10 -0.39 -14.93
N PRO B 20 11.39 -1.52 -14.77
CA PRO B 20 10.07 -1.57 -15.41
C PRO B 20 9.11 -0.62 -14.70
N ARG B 21 8.31 0.10 -15.47
CA ARG B 21 7.35 1.02 -14.89
C ARG B 21 6.44 0.26 -13.94
N GLN B 22 6.05 -0.94 -14.34
CA GLN B 22 5.21 -1.79 -13.52
C GLN B 22 5.80 -3.19 -13.50
N GLY B 23 6.30 -3.59 -12.32
CA GLY B 23 6.92 -4.89 -12.16
C GLY B 23 6.14 -6.11 -12.61
N ARG B 24 4.81 -6.03 -12.63
CA ARG B 24 3.99 -7.16 -13.04
C ARG B 24 4.35 -7.59 -14.47
N PHE B 25 4.77 -6.63 -15.28
CA PHE B 25 5.13 -6.89 -16.66
C PHE B 25 6.55 -7.40 -16.88
N SER B 26 7.33 -7.46 -15.81
CA SER B 26 8.70 -7.95 -15.89
C SER B 26 8.79 -9.36 -15.36
N ASP B 27 9.80 -10.10 -15.83
CA ASP B 27 10.02 -11.47 -15.38
C ASP B 27 11.25 -11.47 -14.50
N ALA B 28 11.83 -10.29 -14.27
CA ALA B 28 13.03 -10.18 -13.44
C ALA B 28 12.78 -10.58 -12.00
N VAL B 29 13.75 -11.28 -11.42
CA VAL B 29 13.66 -11.74 -10.04
C VAL B 29 14.35 -10.73 -9.12
N SER B 30 13.68 -10.39 -8.02
CA SER B 30 14.21 -9.46 -7.03
C SER B 30 14.29 -10.18 -5.71
N GLU B 31 15.13 -9.68 -4.82
CA GLU B 31 15.29 -10.27 -3.50
C GLU B 31 14.96 -9.22 -2.45
N ILE B 32 14.26 -9.65 -1.40
CA ILE B 32 13.90 -8.79 -0.28
C ILE B 32 14.59 -9.36 0.95
N ALA B 33 15.55 -8.63 1.50
CA ALA B 33 16.25 -9.08 2.71
C ALA B 33 15.75 -8.30 3.91
N ILE B 34 15.11 -9.00 4.84
CA ILE B 34 14.55 -8.39 6.05
C ILE B 34 15.58 -8.45 7.18
N PHE B 35 15.72 -7.36 7.92
CA PHE B 35 16.65 -7.30 9.03
C PHE B 35 16.22 -8.26 10.14
N ASP B 36 17.17 -9.02 10.65
CA ASP B 36 16.90 -10.01 11.70
C ASP B 36 15.91 -9.53 12.75
N GLU B 37 16.08 -8.28 13.19
CA GLU B 37 15.21 -7.67 14.19
C GLU B 37 13.71 -7.82 13.91
N TYR B 38 13.35 -7.95 12.64
CA TYR B 38 11.95 -8.09 12.24
C TYR B 38 11.65 -9.49 11.68
N ALA B 39 12.64 -10.36 11.71
CA ALA B 39 12.49 -11.72 11.20
C ALA B 39 11.21 -12.45 11.66
N ASP B 40 10.81 -12.22 12.89
CA ASP B 40 9.59 -12.88 13.41
C ASP B 40 8.36 -12.53 12.60
N GLY B 41 8.40 -11.42 11.87
CA GLY B 41 7.28 -11.01 11.08
C GLY B 41 7.08 -11.90 9.86
N LEU B 42 8.10 -12.68 9.53
CA LEU B 42 8.04 -13.58 8.38
C LEU B 42 7.58 -14.99 8.74
N HIS B 43 7.27 -15.21 10.02
CA HIS B 43 6.83 -16.53 10.46
C HIS B 43 5.66 -17.07 9.64
N LYS B 44 5.94 -18.18 8.93
CA LYS B 44 4.98 -18.87 8.10
C LYS B 44 4.76 -18.24 6.73
N ILE B 45 5.62 -17.33 6.31
CA ILE B 45 5.44 -16.68 5.03
C ILE B 45 5.65 -17.62 3.85
N GLU B 46 6.33 -18.74 4.09
CA GLU B 46 6.57 -19.71 3.02
C GLU B 46 5.27 -20.42 2.63
N ASN B 47 4.23 -20.22 3.44
CA ASN B 47 2.94 -20.84 3.17
C ASN B 47 2.11 -19.95 2.24
N LEU B 48 2.69 -18.86 1.78
CA LEU B 48 2.00 -17.94 0.89
C LEU B 48 2.66 -17.89 -0.47
N ARG B 49 1.86 -17.62 -1.51
CA ARG B 49 2.38 -17.53 -2.86
C ARG B 49 2.44 -16.07 -3.30
N HIS B 50 1.54 -15.26 -2.75
CA HIS B 50 1.46 -13.84 -3.07
C HIS B 50 1.37 -12.98 -1.82
N ILE B 51 2.08 -11.86 -1.85
CA ILE B 51 2.09 -10.90 -0.77
C ILE B 51 2.17 -9.54 -1.38
N ILE B 52 1.89 -8.52 -0.58
CA ILE B 52 1.97 -7.15 -1.05
C ILE B 52 3.19 -6.54 -0.40
N VAL B 53 3.97 -5.82 -1.18
CA VAL B 53 5.17 -5.19 -0.68
C VAL B 53 5.11 -3.67 -0.78
N LEU B 54 5.45 -3.00 0.31
CA LEU B 54 5.47 -1.56 0.33
C LEU B 54 6.92 -1.17 0.50
N TYR B 55 7.43 -0.38 -0.43
CA TYR B 55 8.81 0.06 -0.31
C TYR B 55 8.86 1.57 -0.51
N TRP B 56 9.99 2.15 -0.16
CA TRP B 56 10.18 3.59 -0.26
C TRP B 56 10.98 3.92 -1.51
N ASP B 58 13.03 6.13 -2.57
CA ASP B 58 13.91 7.17 -2.03
C ASP B 58 14.53 8.22 -2.96
N LYS B 59 14.56 7.98 -4.26
CA LYS B 59 15.12 8.98 -5.16
C LYS B 59 14.04 9.71 -5.95
N ALA B 60 12.79 9.52 -5.53
CA ALA B 60 11.68 10.16 -6.21
C ALA B 60 11.37 11.56 -5.66
N SER B 61 10.82 12.41 -6.51
CA SER B 61 10.46 13.77 -6.12
C SER B 61 9.22 13.75 -5.23
N ARG B 62 9.27 14.47 -4.10
CA ARG B 62 8.14 14.50 -3.17
C ARG B 62 7.38 15.81 -3.28
N ASP B 63 7.74 16.64 -4.26
CA ASP B 63 7.05 17.91 -4.41
C ASP B 63 6.31 18.11 -5.72
N LYS B 64 5.84 17.02 -6.31
CA LYS B 64 5.06 17.09 -7.55
C LYS B 64 3.66 16.56 -7.26
N LEU B 65 2.66 17.34 -7.64
CA LEU B 65 1.25 16.99 -7.43
C LEU B 65 0.57 16.57 -8.74
N ARG B 66 1.20 16.89 -9.87
CA ARG B 66 0.64 16.51 -11.16
C ARG B 66 1.70 15.86 -12.04
N VAL B 67 1.25 15.03 -12.97
CA VAL B 67 2.17 14.34 -13.86
C VAL B 67 1.48 13.96 -15.16
N VAL B 68 2.27 13.65 -16.17
CA VAL B 68 1.74 13.25 -17.45
C VAL B 68 2.23 11.82 -17.72
N PRO B 69 1.34 10.84 -17.58
CA PRO B 69 1.72 9.44 -17.82
C PRO B 69 2.28 9.26 -19.22
N PRO B 70 3.09 8.20 -19.43
CA PRO B 70 3.68 7.92 -20.73
C PRO B 70 2.73 8.02 -21.93
N GLY B 71 1.70 7.18 -21.94
CA GLY B 71 0.74 7.20 -23.02
C GLY B 71 -0.38 8.18 -22.78
N GLU B 72 -0.02 9.40 -22.42
CA GLU B 72 -1.01 10.43 -22.14
C GLU B 72 -0.44 11.81 -22.47
N THR B 73 -1.33 12.73 -22.84
CA THR B 73 -0.92 14.08 -23.19
C THR B 73 -1.27 15.08 -22.10
N GLU B 74 -2.45 14.93 -21.50
CA GLU B 74 -2.89 15.83 -20.45
C GLU B 74 -2.36 15.37 -19.09
N GLU B 75 -2.11 16.32 -18.21
CA GLU B 75 -1.61 15.99 -16.89
C GLU B 75 -2.74 15.74 -15.91
N ARG B 76 -2.49 14.86 -14.94
CA ARG B 76 -3.48 14.54 -13.93
C ARG B 76 -2.80 14.46 -12.56
N GLY B 77 -3.60 14.46 -11.51
CA GLY B 77 -3.07 14.38 -10.16
C GLY B 77 -2.37 13.07 -9.90
N VAL B 78 -1.32 13.13 -9.08
CA VAL B 78 -0.55 11.94 -8.75
C VAL B 78 -1.41 10.91 -8.02
N PHE B 79 -2.49 11.37 -7.41
CA PHE B 79 -3.38 10.46 -6.69
C PHE B 79 -4.28 9.68 -7.65
N THR B 80 -4.10 9.91 -8.95
CA THR B 80 -4.91 9.20 -9.94
C THR B 80 -4.00 8.35 -10.78
N THR B 81 -2.75 8.24 -10.35
CA THR B 81 -1.74 7.48 -11.09
C THR B 81 -0.98 6.54 -10.15
N ARG B 82 0.07 5.94 -10.69
CA ARG B 82 0.93 5.04 -9.93
C ARG B 82 2.34 5.61 -10.01
N SER B 83 2.43 6.85 -10.49
CA SER B 83 3.69 7.56 -10.65
C SER B 83 4.52 7.59 -9.38
N PRO B 84 5.85 7.59 -9.52
CA PRO B 84 6.74 7.62 -8.35
C PRO B 84 6.63 8.91 -7.54
N SER B 85 6.60 10.05 -8.24
CA SER B 85 6.53 11.35 -7.59
C SER B 85 5.19 11.61 -6.91
N ARG B 86 5.26 11.87 -5.60
CA ARG B 86 4.10 12.12 -4.77
C ARG B 86 4.59 12.53 -3.39
N PRO B 87 3.73 13.11 -2.55
CA PRO B 87 4.15 13.54 -1.21
C PRO B 87 4.89 12.44 -0.43
N ASN B 88 4.36 11.23 -0.47
CA ASN B 88 4.95 10.10 0.21
C ASN B 88 5.18 9.00 -0.83
N PRO B 89 6.39 8.97 -1.42
CA PRO B 89 6.81 8.02 -2.45
C PRO B 89 6.85 6.55 -2.04
N ILE B 90 5.70 5.99 -1.68
CA ILE B 90 5.61 4.59 -1.29
C ILE B 90 5.25 3.70 -2.49
N GLY B 91 6.15 2.81 -2.87
CA GLY B 91 5.88 1.91 -3.99
C GLY B 91 5.03 0.74 -3.50
N LEU B 92 3.98 0.43 -4.24
CA LEU B 92 3.07 -0.66 -3.91
C LEU B 92 3.09 -1.79 -4.93
N CYS B 93 3.49 -3.00 -4.51
CA CYS B 93 3.56 -4.14 -5.43
C CYS B 93 3.00 -5.48 -4.94
N VAL B 94 2.16 -6.10 -5.77
CA VAL B 94 1.68 -7.42 -5.43
C VAL B 94 2.80 -8.24 -6.06
N VAL B 95 3.43 -9.11 -5.28
CA VAL B 95 4.50 -9.91 -5.84
C VAL B 95 4.24 -11.39 -5.61
N GLU B 96 4.98 -12.22 -6.34
CA GLU B 96 4.86 -13.67 -6.23
C GLU B 96 6.11 -14.22 -5.55
N ILE B 97 5.92 -14.93 -4.44
CA ILE B 97 7.05 -15.49 -3.72
C ILE B 97 7.59 -16.73 -4.40
N LEU B 98 8.84 -16.67 -4.85
CA LEU B 98 9.47 -17.80 -5.52
C LEU B 98 10.28 -18.62 -4.54
N GLU B 99 10.92 -17.97 -3.59
CA GLU B 99 11.74 -18.68 -2.63
C GLU B 99 11.88 -17.94 -1.31
N VAL B 100 11.96 -18.70 -0.23
CA VAL B 100 12.10 -18.13 1.11
C VAL B 100 13.26 -18.83 1.83
N GLU B 101 14.34 -18.09 2.08
CA GLU B 101 15.52 -18.62 2.76
C GLU B 101 15.34 -18.47 4.27
N ARG B 102 16.02 -17.50 4.86
CA ARG B 102 15.89 -17.28 6.29
C ARG B 102 15.15 -15.96 6.44
N ASN B 103 15.84 -14.85 6.16
CA ASN B 103 15.24 -13.53 6.24
C ASN B 103 15.19 -12.91 4.85
N ARG B 104 15.40 -13.75 3.84
CA ARG B 104 15.40 -13.28 2.47
C ARG B 104 14.35 -13.97 1.61
N LEU B 105 13.72 -13.17 0.76
CA LEU B 105 12.69 -13.67 -0.11
C LEU B 105 13.00 -13.32 -1.56
N LYS B 106 12.89 -14.30 -2.44
CA LYS B 106 13.10 -14.07 -3.86
C LYS B 106 11.70 -14.02 -4.41
N VAL B 107 11.37 -12.91 -5.06
CA VAL B 107 10.04 -12.70 -5.61
C VAL B 107 10.12 -12.16 -7.03
N ARG B 108 8.95 -12.02 -7.66
CA ARG B 108 8.88 -11.45 -9.00
C ARG B 108 7.75 -10.43 -8.96
N TRP B 109 7.76 -9.51 -9.93
CA TRP B 109 6.77 -8.43 -10.06
C TRP B 109 7.12 -7.21 -9.22
N LEU B 110 8.28 -7.22 -8.57
CA LEU B 110 8.70 -6.05 -7.81
C LEU B 110 9.43 -5.14 -8.79
N ASP B 111 9.22 -3.83 -8.68
CA ASP B 111 9.86 -2.88 -9.59
C ASP B 111 10.67 -1.83 -8.84
N ALA B 112 11.24 -2.23 -7.70
CA ALA B 112 12.05 -1.32 -6.89
C ALA B 112 13.48 -1.25 -7.38
N LEU B 113 14.05 -0.05 -7.36
CA LEU B 113 15.43 0.12 -7.77
C LEU B 113 16.26 -0.65 -6.78
N ASP B 114 17.43 -1.08 -7.23
CA ASP B 114 18.33 -1.84 -6.38
C ASP B 114 18.68 -1.03 -5.13
N GLY B 115 18.60 -1.67 -3.98
CA GLY B 115 18.92 -1.00 -2.73
C GLY B 115 17.82 -0.17 -2.10
N SER B 116 16.60 -0.23 -2.64
CA SER B 116 15.48 0.52 -2.09
C SER B 116 15.06 -0.03 -0.73
N PRO B 117 14.64 0.84 0.18
CA PRO B 117 14.20 0.42 1.53
C PRO B 117 12.84 -0.29 1.47
N VAL B 118 12.70 -1.35 2.27
CA VAL B 118 11.43 -2.05 2.33
C VAL B 118 10.73 -1.44 3.53
N ILE B 119 9.44 -1.19 3.39
CA ILE B 119 8.65 -0.56 4.44
C ILE B 119 7.69 -1.50 5.13
N ASP B 120 7.01 -2.33 4.35
CA ASP B 120 6.02 -3.23 4.92
C ASP B 120 5.70 -4.38 3.97
N ILE B 121 5.11 -5.43 4.52
CA ILE B 121 4.71 -6.60 3.76
C ILE B 121 3.39 -7.10 4.35
N LYS B 122 2.42 -7.37 3.49
CA LYS B 122 1.11 -7.83 3.91
C LYS B 122 0.73 -9.05 3.07
N LYS B 123 -0.17 -9.88 3.59
CA LYS B 123 -0.59 -11.04 2.81
C LYS B 123 -1.50 -10.53 1.69
N TYR B 124 -1.41 -11.15 0.52
CA TYR B 124 -2.27 -10.76 -0.59
C TYR B 124 -3.61 -11.46 -0.38
N SER B 125 -4.70 -10.74 -0.58
CA SER B 125 -6.02 -11.32 -0.39
C SER B 125 -6.97 -10.87 -1.49
N PRO B 126 -7.28 -11.78 -2.42
CA PRO B 126 -8.17 -11.54 -3.56
C PRO B 126 -9.47 -10.81 -3.22
N GLU B 127 -10.17 -11.31 -2.22
CA GLU B 127 -11.43 -10.72 -1.81
C GLU B 127 -11.37 -9.24 -1.42
N ILE B 128 -10.20 -8.76 -0.98
CA ILE B 128 -10.10 -7.36 -0.59
C ILE B 128 -9.21 -6.46 -1.45
N ASP B 129 -8.19 -7.05 -2.07
CA ASP B 129 -7.27 -6.26 -2.89
C ASP B 129 -7.74 -6.16 -4.33
N CYS B 130 -8.72 -6.98 -4.70
CA CYS B 130 -9.23 -6.97 -6.05
C CYS B 130 -10.74 -6.72 -6.10
N VAL B 131 -11.16 -5.90 -7.05
CA VAL B 131 -12.57 -5.56 -7.23
C VAL B 131 -13.20 -6.43 -8.32
N ASN B 132 -14.25 -7.15 -7.97
CA ASN B 132 -14.94 -8.02 -8.93
C ASN B 132 -15.97 -7.23 -9.72
N GLN B 133 -15.57 -6.77 -10.91
CA GLN B 133 -16.45 -6.01 -11.77
C GLN B 133 -16.59 -6.70 -13.12
#